data_3KMQ
#
_entry.id   3KMQ
#
_cell.length_a   93.661
_cell.length_b   93.661
_cell.length_c   121.105
_cell.angle_alpha   90.00
_cell.angle_beta   90.00
_cell.angle_gamma   90.00
#
_symmetry.space_group_name_H-M   'P 41 21 2'
#
loop_
_entity.id
_entity.type
_entity.pdbx_description
1 polymer '3D polymerase'
2 polymer "RNA (5'-R(P*GP*GP*GP*CP*C)-3')"
3 polymer "RNA (5'-R(*GP*GP*CP*CP*C)-3')"
4 water water
#
loop_
_entity_poly.entity_id
_entity_poly.type
_entity_poly.pdbx_seq_one_letter_code
_entity_poly.pdbx_strand_id
1 'polypeptide(L)'
;GLIVDTRDVEERVHVMRKTKLAPTVAHGVFNPEFGPAALSNKDPRLNEGVVLDEVIFSKHKSDTKMSAEDKALFRRCAAD
YASRLHSVLGTANAPLSIYEAIKGVDGLDAMEPDTAPGLPWALQGKRRGALIDFENGTVGPEVEAALKLMEKREYKFACQ
TFLKDEIRPMEKVRAGKTRIVDVLPVEHILYTRMMIGRFCAQMHSNNGPQIGSAVGCNPDVDWQRFGTHFAQYRNVWDVD
YSAFDANHCSDAMNIMFEEVFRTEFGFHPNAEWILKTLVNTEHAYENKRITVEGGMPSGCSATSIINTILNNIYVLYALR
RHYEGVELDTYTMISYGDDIVVASDYDLDFEALKPHFKSLGQTITPADKSDKGFVLGHSITDVTFLKRHFHMDYGTGFYK
PVMASKTLEAILSFARRGTIQEKLISVAGLAVHSGPDEYRRLFEPFQGLFEIPSYRSLYLRWVNAVCGDAAALEHH
;
A
2 'polyribonucleotide' GGGCC B
3 'polyribonucleotide' GGCCC C
#
loop_
_chem_comp.id
_chem_comp.type
_chem_comp.name
_chem_comp.formula
C RNA linking CYTIDINE-5'-MONOPHOSPHATE 'C9 H14 N3 O8 P'
G RNA linking GUANOSINE-5'-MONOPHOSPHATE 'C10 H14 N5 O8 P'
#
# COMPACT_ATOMS: atom_id res chain seq x y z
N GLY A 1 3.10 13.56 9.22
CA GLY A 1 4.34 14.38 9.42
C GLY A 1 4.05 15.73 10.02
N LEU A 2 5.05 16.61 10.01
CA LEU A 2 4.90 17.95 10.55
C LEU A 2 5.23 19.00 9.50
N ILE A 3 4.26 19.89 9.26
CA ILE A 3 4.45 21.03 8.36
C ILE A 3 5.29 22.08 9.11
N VAL A 4 6.52 22.29 8.62
CA VAL A 4 7.48 23.18 9.28
C VAL A 4 7.67 24.52 8.56
N ASP A 5 7.37 24.55 7.26
CA ASP A 5 7.50 25.76 6.46
C ASP A 5 6.52 25.77 5.29
N THR A 6 5.95 26.94 5.01
CA THR A 6 5.05 27.14 3.88
C THR A 6 5.44 28.41 3.13
N ARG A 7 5.77 28.26 1.85
CA ARG A 7 6.20 29.38 1.00
C ARG A 7 5.28 29.55 -0.20
N ASP A 8 5.18 30.78 -0.68
CA ASP A 8 4.42 31.08 -1.89
C ASP A 8 5.36 31.61 -2.98
N VAL A 9 5.72 30.73 -3.90
CA VAL A 9 6.57 31.08 -5.04
C VAL A 9 5.69 31.45 -6.24
N GLU A 10 6.22 32.28 -7.14
CA GLU A 10 5.48 32.73 -8.31
C GLU A 10 5.64 31.77 -9.50
N GLU A 11 5.25 30.52 -9.28
CA GLU A 11 5.25 29.48 -10.32
C GLU A 11 4.15 28.46 -10.00
N ARG A 12 3.16 28.37 -10.89
CA ARG A 12 2.03 27.47 -10.69
C ARG A 12 2.31 26.04 -11.12
N VAL A 13 1.98 25.10 -10.24
CA VAL A 13 1.96 23.68 -10.59
C VAL A 13 0.48 23.28 -10.70
N HIS A 14 -0.05 23.33 -11.92
CA HIS A 14 -1.47 23.11 -12.18
C HIS A 14 -1.87 21.65 -11.97
N VAL A 15 -2.95 21.44 -11.24
CA VAL A 15 -3.45 20.10 -10.93
C VAL A 15 -4.75 19.78 -11.68
N MET A 16 -5.03 18.49 -11.84
CA MET A 16 -6.28 18.06 -12.48
C MET A 16 -7.46 18.23 -11.52
N ARG A 17 -8.58 18.73 -12.05
CA ARG A 17 -9.75 19.02 -11.24
C ARG A 17 -11.06 18.51 -11.86
N LYS A 18 -10.93 17.60 -12.82
CA LYS A 18 -12.09 17.01 -13.48
C LYS A 18 -11.97 15.48 -13.47
N THR A 19 -13.03 14.82 -13.00
CA THR A 19 -12.99 13.36 -12.81
C THR A 19 -13.17 12.58 -14.12
N LYS A 20 -12.45 11.46 -14.21
CA LYS A 20 -12.58 10.53 -15.33
C LYS A 20 -13.63 9.46 -15.03
N LEU A 21 -14.10 9.43 -13.80
CA LEU A 21 -15.07 8.44 -13.35
C LEU A 21 -16.51 8.88 -13.59
N ALA A 22 -17.31 7.95 -14.12
CA ALA A 22 -18.73 8.19 -14.38
C ALA A 22 -19.55 7.00 -13.90
N PRO A 23 -20.79 7.24 -13.45
CA PRO A 23 -21.67 6.14 -13.03
C PRO A 23 -21.95 5.13 -14.15
N THR A 24 -22.17 3.88 -13.76
CA THR A 24 -22.54 2.83 -14.69
C THR A 24 -24.03 2.53 -14.54
N VAL A 25 -24.52 1.57 -15.34
CA VAL A 25 -25.91 1.09 -15.25
C VAL A 25 -26.25 0.53 -13.86
N ALA A 26 -25.23 0.00 -13.17
CA ALA A 26 -25.41 -0.59 -11.84
C ALA A 26 -25.66 0.46 -10.74
N HIS A 27 -25.23 1.69 -10.99
CA HIS A 27 -25.36 2.78 -10.01
C HIS A 27 -26.82 3.05 -9.62
N GLY A 28 -27.71 3.00 -10.60
CA GLY A 28 -29.14 3.23 -10.37
C GLY A 28 -29.83 2.06 -9.69
N VAL A 29 -29.15 0.91 -9.68
CA VAL A 29 -29.66 -0.31 -9.07
C VAL A 29 -29.21 -0.44 -7.61
N PHE A 30 -27.91 -0.26 -7.38
CA PHE A 30 -27.33 -0.45 -6.05
C PHE A 30 -27.34 0.79 -5.16
N ASN A 31 -27.44 1.97 -5.78
CA ASN A 31 -27.44 3.26 -5.07
C ASN A 31 -26.42 3.35 -3.91
N PRO A 32 -25.11 3.28 -4.24
CA PRO A 32 -24.11 3.21 -3.18
C PRO A 32 -23.89 4.54 -2.47
N GLU A 33 -23.48 4.46 -1.20
CA GLU A 33 -23.11 5.65 -0.41
C GLU A 33 -21.68 6.04 -0.74
N PHE A 34 -21.38 6.11 -2.04
CA PHE A 34 -20.04 6.34 -2.56
C PHE A 34 -20.11 7.31 -3.73
N GLY A 35 -18.99 7.94 -4.03
CA GLY A 35 -18.89 8.87 -5.16
C GLY A 35 -17.45 9.25 -5.45
N PRO A 36 -17.21 9.87 -6.63
CA PRO A 36 -15.86 10.33 -6.97
C PRO A 36 -15.40 11.42 -6.01
N ALA A 37 -14.13 11.33 -5.60
CA ALA A 37 -13.54 12.33 -4.69
C ALA A 37 -13.58 13.72 -5.29
N ALA A 38 -13.73 14.73 -4.43
CA ALA A 38 -13.73 16.12 -4.86
C ALA A 38 -12.34 16.55 -5.32
N LEU A 39 -12.26 17.04 -6.55
CA LEU A 39 -11.00 17.44 -7.15
C LEU A 39 -10.89 18.97 -7.29
N SER A 40 -11.99 19.66 -7.00
CA SER A 40 -12.03 21.11 -7.06
C SER A 40 -12.61 21.71 -5.78
N ASN A 41 -12.15 22.92 -5.45
CA ASN A 41 -12.70 23.69 -4.33
C ASN A 41 -14.13 24.14 -4.57
N LYS A 42 -14.53 24.20 -5.84
CA LYS A 42 -15.86 24.66 -6.24
C LYS A 42 -16.83 23.50 -6.50
N ASP A 43 -16.47 22.30 -6.05
CA ASP A 43 -17.35 21.13 -6.14
C ASP A 43 -18.58 21.34 -5.26
N PRO A 44 -19.78 21.32 -5.87
CA PRO A 44 -21.03 21.61 -5.16
C PRO A 44 -21.43 20.57 -4.11
N ARG A 45 -20.80 19.40 -4.17
CA ARG A 45 -21.07 18.32 -3.21
C ARG A 45 -20.38 18.54 -1.86
N LEU A 46 -19.40 19.44 -1.83
CA LEU A 46 -18.64 19.75 -0.62
C LEU A 46 -19.49 20.47 0.42
N ASN A 47 -19.15 20.28 1.70
CA ASN A 47 -19.77 21.02 2.79
C ASN A 47 -19.45 22.51 2.69
N GLU A 48 -20.42 23.34 3.05
CA GLU A 48 -20.29 24.80 2.92
C GLU A 48 -19.31 25.37 3.95
N GLY A 49 -18.01 25.26 3.64
CA GLY A 49 -16.95 25.75 4.50
C GLY A 49 -15.66 24.93 4.43
N VAL A 50 -15.66 23.92 3.57
CA VAL A 50 -14.49 23.06 3.38
C VAL A 50 -13.48 23.69 2.42
N VAL A 51 -12.24 23.79 2.88
CA VAL A 51 -11.14 24.25 2.05
C VAL A 51 -10.28 23.05 1.69
N LEU A 52 -10.45 22.56 0.47
CA LEU A 52 -9.85 21.30 0.01
C LEU A 52 -8.33 21.23 0.21
N ASP A 53 -7.64 22.32 -0.12
CA ASP A 53 -6.17 22.37 0.01
C ASP A 53 -5.67 22.38 1.46
N GLU A 54 -6.58 22.65 2.40
CA GLU A 54 -6.27 22.55 3.83
C GLU A 54 -6.56 21.15 4.38
N VAL A 55 -7.64 20.54 3.88
CA VAL A 55 -8.05 19.19 4.31
C VAL A 55 -7.09 18.12 3.75
N ILE A 56 -6.52 18.40 2.58
CA ILE A 56 -5.56 17.50 1.94
C ILE A 56 -4.31 17.26 2.81
N PHE A 57 -3.82 18.32 3.44
CA PHE A 57 -2.60 18.26 4.23
C PHE A 57 -2.87 18.14 5.74
N SER A 58 -4.14 18.05 6.11
CA SER A 58 -4.55 17.96 7.51
C SER A 58 -4.06 16.69 8.20
N LYS A 59 -3.71 15.69 7.40
CA LYS A 59 -3.12 14.44 7.90
C LYS A 59 -1.75 14.65 8.55
N HIS A 60 -1.06 15.71 8.12
CA HIS A 60 0.23 16.09 8.69
C HIS A 60 0.03 17.03 9.87
N LYS A 61 0.04 16.46 11.07
CA LYS A 61 -0.19 17.24 12.30
C LYS A 61 0.94 17.09 13.33
N SER A 62 1.70 15.99 13.24
CA SER A 62 2.78 15.73 14.21
C SER A 62 3.91 14.88 13.66
N ASP A 63 5.11 15.08 14.22
CA ASP A 63 6.26 14.21 14.00
C ASP A 63 6.83 13.84 15.37
N THR A 64 6.28 12.78 15.95
CA THR A 64 6.59 12.36 17.33
C THR A 64 8.08 12.06 17.54
N LYS A 65 8.66 12.71 18.54
CA LYS A 65 10.05 12.49 18.89
C LYS A 65 10.15 11.40 19.94
N MET A 66 10.87 10.34 19.62
CA MET A 66 11.04 9.21 20.53
C MET A 66 12.17 9.47 21.51
N SER A 67 12.01 8.97 22.73
CA SER A 67 13.04 9.08 23.76
C SER A 67 14.26 8.22 23.40
N ALA A 68 15.38 8.47 24.07
CA ALA A 68 16.61 7.70 23.85
C ALA A 68 16.40 6.20 24.08
N GLU A 69 15.67 5.87 25.14
CA GLU A 69 15.36 4.48 25.51
C GLU A 69 14.46 3.81 24.46
N ASP A 70 13.46 4.55 23.98
CA ASP A 70 12.54 4.05 22.95
C ASP A 70 13.21 3.86 21.60
N LYS A 71 14.11 4.78 21.24
CA LYS A 71 14.91 4.70 20.03
C LYS A 71 15.84 3.48 20.06
N ALA A 72 16.43 3.21 21.23
CA ALA A 72 17.29 2.04 21.43
C ALA A 72 16.53 0.73 21.29
N LEU A 73 15.33 0.67 21.85
CA LEU A 73 14.46 -0.49 21.73
C LEU A 73 14.03 -0.69 20.29
N PHE A 74 13.65 0.40 19.62
CA PHE A 74 13.23 0.34 18.21
C PHE A 74 14.33 -0.20 17.31
N ARG A 75 15.57 0.26 17.52
CA ARG A 75 16.71 -0.22 16.75
C ARG A 75 16.93 -1.73 16.93
N ARG A 76 16.73 -2.19 18.16
CA ARG A 76 16.86 -3.60 18.52
C ARG A 76 15.82 -4.43 17.76
N CYS A 77 14.58 -3.94 17.73
CA CYS A 77 13.48 -4.60 17.02
C CYS A 77 13.67 -4.57 15.50
N ALA A 78 14.19 -3.46 14.99
CA ALA A 78 14.45 -3.29 13.56
C ALA A 78 15.56 -4.22 13.08
N ALA A 79 16.60 -4.37 13.90
CA ALA A 79 17.70 -5.29 13.62
C ALA A 79 17.27 -6.76 13.69
N ASP A 80 16.38 -7.08 14.64
CA ASP A 80 15.85 -8.44 14.78
C ASP A 80 14.96 -8.85 13.60
N TYR A 81 14.11 -7.93 13.15
CA TYR A 81 13.29 -8.17 11.96
C TYR A 81 14.13 -8.27 10.69
N ALA A 82 15.11 -7.37 10.55
CA ALA A 82 16.03 -7.39 9.41
C ALA A 82 16.82 -8.70 9.35
N SER A 83 17.22 -9.20 10.52
CA SER A 83 17.89 -10.49 10.64
C SER A 83 17.03 -11.61 10.04
N ARG A 84 15.76 -11.67 10.47
CA ARG A 84 14.80 -12.64 9.95
C ARG A 84 14.58 -12.44 8.45
N LEU A 85 14.35 -11.19 8.05
CA LEU A 85 14.07 -10.85 6.67
C LEU A 85 15.16 -11.32 5.71
N HIS A 86 16.40 -10.95 6.01
CA HIS A 86 17.55 -11.26 5.16
C HIS A 86 18.01 -12.72 5.24
N SER A 87 17.64 -13.39 6.33
CA SER A 87 17.89 -14.83 6.47
C SER A 87 17.05 -15.62 5.48
N VAL A 88 15.80 -15.20 5.30
CA VAL A 88 14.88 -15.85 4.36
C VAL A 88 15.21 -15.47 2.91
N LEU A 89 15.45 -14.18 2.66
CA LEU A 89 15.66 -13.66 1.30
C LEU A 89 17.06 -13.91 0.74
N GLY A 90 18.06 -13.87 1.63
CA GLY A 90 19.45 -13.92 1.20
C GLY A 90 20.05 -12.52 1.15
N THR A 91 21.29 -12.43 0.68
CA THR A 91 22.02 -11.16 0.65
C THR A 91 22.35 -10.70 -0.77
N ALA A 92 21.69 -11.29 -1.77
CA ALA A 92 21.84 -10.88 -3.16
C ALA A 92 21.04 -9.60 -3.41
N ASN A 93 21.62 -8.47 -2.99
CA ASN A 93 20.94 -7.18 -3.04
C ASN A 93 21.75 -6.12 -3.79
N ALA A 94 22.60 -6.58 -4.71
CA ALA A 94 23.41 -5.71 -5.55
C ALA A 94 22.54 -4.76 -6.38
N PRO A 95 23.05 -3.54 -6.65
CA PRO A 95 22.30 -2.55 -7.43
C PRO A 95 21.83 -3.08 -8.79
N LEU A 96 20.59 -2.75 -9.14
CA LEU A 96 20.07 -3.01 -10.48
C LEU A 96 20.75 -2.08 -11.48
N SER A 97 20.95 -2.58 -12.70
CA SER A 97 21.46 -1.75 -13.79
C SER A 97 20.35 -0.80 -14.26
N ILE A 98 20.74 0.25 -14.96
CA ILE A 98 19.80 1.20 -15.56
C ILE A 98 18.78 0.46 -16.44
N TYR A 99 19.27 -0.50 -17.23
CA TYR A 99 18.42 -1.34 -18.08
C TYR A 99 17.38 -2.11 -17.27
N GLU A 100 17.83 -2.85 -16.25
CA GLU A 100 16.97 -3.71 -15.44
C GLU A 100 15.96 -2.93 -14.59
N ALA A 101 16.35 -1.73 -14.16
CA ALA A 101 15.49 -0.87 -13.37
C ALA A 101 14.27 -0.37 -14.16
N ILE A 102 14.48 -0.10 -15.45
CA ILE A 102 13.40 0.32 -16.34
C ILE A 102 12.58 -0.88 -16.81
N LYS A 103 13.26 -1.91 -17.30
CA LYS A 103 12.61 -3.08 -17.91
C LYS A 103 11.97 -4.01 -16.87
N GLY A 104 12.52 -4.03 -15.66
CA GLY A 104 12.03 -4.91 -14.60
C GLY A 104 12.64 -6.30 -14.68
N VAL A 105 12.89 -6.88 -13.51
CA VAL A 105 13.47 -8.22 -13.41
C VAL A 105 12.40 -9.25 -12.99
N ASP A 106 12.83 -10.46 -12.68
CA ASP A 106 11.93 -11.50 -12.21
C ASP A 106 11.39 -11.13 -10.82
N GLY A 107 10.09 -10.86 -10.76
CA GLY A 107 9.44 -10.44 -9.51
C GLY A 107 9.27 -8.94 -9.39
N LEU A 108 9.73 -8.20 -10.39
CA LEU A 108 9.61 -6.74 -10.42
C LEU A 108 9.06 -6.26 -11.76
N ASP A 109 7.91 -5.60 -11.72
CA ASP A 109 7.26 -5.09 -12.94
C ASP A 109 8.02 -3.90 -13.52
N ALA A 110 7.85 -3.69 -14.82
CA ALA A 110 8.53 -2.59 -15.53
C ALA A 110 7.98 -1.23 -15.13
N MET A 111 8.79 -0.19 -15.32
CA MET A 111 8.38 1.19 -15.09
C MET A 111 7.36 1.62 -16.14
N GLU A 112 6.32 2.34 -15.69
CA GLU A 112 5.27 2.83 -16.58
C GLU A 112 5.79 3.96 -17.48
N PRO A 113 5.61 3.82 -18.80
CA PRO A 113 6.14 4.77 -19.77
C PRO A 113 5.36 6.09 -19.87
N ASP A 114 4.06 6.05 -19.57
CA ASP A 114 3.19 7.20 -19.81
C ASP A 114 2.57 7.82 -18.55
N THR A 115 3.19 7.57 -17.40
CA THR A 115 2.75 8.18 -16.14
C THR A 115 3.47 9.52 -15.89
N ALA A 116 3.10 10.19 -14.80
CA ALA A 116 3.65 11.51 -14.47
C ALA A 116 5.16 11.49 -14.21
N PRO A 117 5.91 12.40 -14.87
CA PRO A 117 7.36 12.47 -14.72
C PRO A 117 7.86 13.21 -13.46
N GLY A 118 7.02 14.08 -12.89
CA GLY A 118 7.41 14.85 -11.72
C GLY A 118 8.06 16.19 -12.04
N LEU A 119 8.67 16.80 -11.02
CA LEU A 119 9.29 18.12 -11.15
C LEU A 119 10.81 18.03 -11.29
N PRO A 120 11.44 18.99 -12.01
CA PRO A 120 10.82 20.13 -12.68
C PRO A 120 10.44 19.84 -14.13
N TRP A 121 10.24 18.57 -14.46
CA TRP A 121 9.94 18.14 -15.83
C TRP A 121 8.51 18.49 -16.26
N ALA A 122 7.60 18.54 -15.29
CA ALA A 122 6.20 18.89 -15.53
C ALA A 122 6.02 20.35 -15.93
N LEU A 123 6.85 21.22 -15.34
CA LEU A 123 6.84 22.65 -15.63
C LEU A 123 7.43 22.95 -17.01
N GLN A 124 8.30 22.04 -17.49
CA GLN A 124 8.98 22.20 -18.76
C GLN A 124 8.24 21.51 -19.92
N GLY A 125 7.08 20.93 -19.61
CA GLY A 125 6.23 20.27 -20.60
C GLY A 125 6.77 18.95 -21.14
N LYS A 126 7.63 18.31 -20.36
CA LYS A 126 8.25 17.04 -20.74
C LYS A 126 7.53 15.84 -20.12
N ARG A 127 7.47 14.75 -20.87
CA ARG A 127 6.91 13.50 -20.37
C ARG A 127 8.04 12.53 -20.02
N ARG A 128 7.68 11.34 -19.56
CA ARG A 128 8.64 10.28 -19.24
C ARG A 128 9.30 9.70 -20.50
N GLY A 129 8.53 9.64 -21.58
CA GLY A 129 9.03 9.11 -22.85
C GLY A 129 10.13 9.94 -23.48
N ALA A 130 10.08 11.24 -23.23
CA ALA A 130 11.08 12.18 -23.75
C ALA A 130 12.41 12.08 -23.00
N LEU A 131 12.33 11.77 -21.70
CA LEU A 131 13.51 11.71 -20.84
C LEU A 131 14.14 10.31 -20.81
N ILE A 132 13.31 9.29 -20.94
CA ILE A 132 13.76 7.90 -20.83
C ILE A 132 13.21 7.04 -21.97
N ASP A 133 14.09 6.24 -22.56
CA ASP A 133 13.69 5.24 -23.56
C ASP A 133 13.20 3.99 -22.84
N PHE A 134 11.89 3.74 -22.92
CA PHE A 134 11.27 2.61 -22.23
C PHE A 134 11.31 1.31 -23.06
N GLU A 135 11.65 1.44 -24.34
CA GLU A 135 11.78 0.29 -25.22
C GLU A 135 13.16 -0.36 -25.08
N ASN A 136 14.20 0.46 -25.23
CA ASN A 136 15.59 -0.02 -25.20
C ASN A 136 16.23 -0.04 -23.81
N GLY A 137 15.57 0.60 -22.84
CA GLY A 137 16.06 0.66 -21.46
C GLY A 137 17.26 1.57 -21.28
N THR A 138 17.18 2.77 -21.85
CA THR A 138 18.26 3.76 -21.77
C THR A 138 17.73 5.13 -21.35
N VAL A 139 18.62 5.96 -20.82
CA VAL A 139 18.24 7.28 -20.30
C VAL A 139 18.80 8.45 -21.11
N GLY A 140 18.08 9.57 -21.11
CA GLY A 140 18.53 10.78 -21.80
C GLY A 140 19.56 11.56 -20.99
N PRO A 141 20.00 12.72 -21.52
CA PRO A 141 21.02 13.54 -20.89
C PRO A 141 20.60 14.15 -19.54
N GLU A 142 19.29 14.35 -19.37
CA GLU A 142 18.75 14.97 -18.16
C GLU A 142 18.78 14.02 -16.97
N VAL A 143 18.32 12.79 -17.19
CA VAL A 143 18.31 11.74 -16.16
C VAL A 143 19.74 11.28 -15.86
N GLU A 144 20.58 11.21 -16.90
CA GLU A 144 21.99 10.86 -16.77
C GLU A 144 22.72 11.75 -15.75
N ALA A 145 22.53 13.07 -15.89
CA ALA A 145 23.18 14.04 -15.00
C ALA A 145 22.66 13.97 -13.56
N ALA A 146 21.36 13.69 -13.43
CA ALA A 146 20.71 13.59 -12.12
C ALA A 146 21.21 12.39 -11.32
N LEU A 147 21.42 11.27 -12.01
CA LEU A 147 21.91 10.04 -11.38
C LEU A 147 23.32 10.17 -10.80
N LYS A 148 24.13 11.04 -11.40
CA LYS A 148 25.49 11.30 -10.94
C LYS A 148 25.49 12.19 -9.69
N LEU A 149 24.47 13.04 -9.57
CA LEU A 149 24.30 13.91 -8.41
C LEU A 149 23.84 13.11 -7.18
N MET A 150 23.09 12.04 -7.43
CA MET A 150 22.62 11.15 -6.38
C MET A 150 23.75 10.29 -5.83
N GLU A 151 24.68 9.91 -6.72
CA GLU A 151 25.88 9.16 -6.32
C GLU A 151 26.78 9.99 -5.41
N LYS A 152 26.87 11.28 -5.68
CA LYS A 152 27.59 12.23 -4.82
C LYS A 152 26.81 12.60 -3.56
N ARG A 153 25.55 12.18 -3.50
CA ARG A 153 24.65 12.44 -2.36
C ARG A 153 24.33 13.93 -2.16
N GLU A 154 24.34 14.69 -3.25
CA GLU A 154 24.09 16.13 -3.20
C GLU A 154 22.77 16.52 -3.88
N TYR A 155 22.02 15.51 -4.32
CA TYR A 155 20.77 15.70 -5.05
C TYR A 155 19.62 16.12 -4.12
N LYS A 156 18.87 17.14 -4.56
CA LYS A 156 17.68 17.62 -3.87
C LYS A 156 16.50 17.67 -4.84
N PHE A 157 15.29 17.57 -4.31
CA PHE A 157 14.10 17.47 -5.14
C PHE A 157 12.83 17.97 -4.44
N ALA A 158 11.75 18.09 -5.21
CA ALA A 158 10.43 18.43 -4.69
C ALA A 158 9.40 17.42 -5.17
N CYS A 159 8.44 17.10 -4.30
CA CYS A 159 7.36 16.19 -4.64
C CYS A 159 6.19 16.96 -5.24
N GLN A 160 5.61 16.42 -6.30
CA GLN A 160 4.47 17.04 -6.97
C GLN A 160 3.17 16.43 -6.46
N THR A 161 2.37 17.26 -5.78
CA THR A 161 1.13 16.81 -5.14
C THR A 161 0.01 16.64 -6.17
N PHE A 162 -0.49 15.41 -6.26
CA PHE A 162 -1.56 15.05 -7.20
C PHE A 162 -2.81 14.60 -6.46
N LEU A 163 -3.96 15.11 -6.88
CA LEU A 163 -5.25 14.68 -6.36
C LEU A 163 -5.59 13.29 -6.90
N LYS A 164 -5.96 12.39 -6.00
CA LYS A 164 -6.29 11.02 -6.39
C LYS A 164 -7.75 10.92 -6.84
N ASP A 165 -7.95 10.74 -8.15
CA ASP A 165 -9.27 10.56 -8.73
C ASP A 165 -9.74 9.13 -8.49
N GLU A 166 -10.59 8.97 -7.48
CA GLU A 166 -11.03 7.64 -7.05
C GLU A 166 -12.40 7.72 -6.39
N ILE A 167 -13.03 6.56 -6.24
CA ILE A 167 -14.30 6.46 -5.53
C ILE A 167 -14.04 6.44 -4.01
N ARG A 168 -14.78 7.29 -3.29
CA ARG A 168 -14.67 7.37 -1.84
C ARG A 168 -16.07 7.41 -1.21
N PRO A 169 -16.20 6.94 0.05
CA PRO A 169 -17.46 7.10 0.79
C PRO A 169 -17.94 8.55 0.78
N MET A 170 -19.25 8.74 0.63
CA MET A 170 -19.85 10.07 0.48
C MET A 170 -19.55 11.03 1.63
N GLU A 171 -19.42 10.50 2.84
CA GLU A 171 -19.10 11.30 4.02
C GLU A 171 -17.73 11.96 3.89
N LYS A 172 -16.79 11.24 3.27
CA LYS A 172 -15.44 11.75 3.05
C LYS A 172 -15.35 12.68 1.84
N VAL A 173 -16.18 12.43 0.83
CA VAL A 173 -16.29 13.32 -0.34
C VAL A 173 -16.83 14.68 0.10
N ARG A 174 -17.85 14.65 0.95
CA ARG A 174 -18.51 15.84 1.47
C ARG A 174 -17.59 16.63 2.39
N ALA A 175 -16.74 15.93 3.13
CA ALA A 175 -15.76 16.54 4.02
C ALA A 175 -14.49 17.00 3.30
N GLY A 176 -14.32 16.54 2.06
CA GLY A 176 -13.17 16.91 1.25
C GLY A 176 -11.92 16.11 1.57
N LYS A 177 -12.12 14.92 2.16
CA LYS A 177 -11.01 14.04 2.49
C LYS A 177 -10.53 13.29 1.26
N THR A 178 -10.13 14.04 0.25
CA THR A 178 -9.55 13.50 -0.98
C THR A 178 -8.12 13.05 -0.68
N ARG A 179 -7.79 11.84 -1.10
CA ARG A 179 -6.45 11.31 -0.91
C ARG A 179 -5.48 11.94 -1.92
N ILE A 180 -4.19 11.87 -1.61
CA ILE A 180 -3.19 12.56 -2.41
C ILE A 180 -2.06 11.63 -2.82
N VAL A 181 -1.54 11.85 -4.02
CA VAL A 181 -0.39 11.10 -4.52
C VAL A 181 0.80 12.05 -4.63
N ASP A 182 1.86 11.73 -3.90
CA ASP A 182 3.09 12.51 -3.93
C ASP A 182 3.97 12.01 -5.07
N VAL A 183 3.87 12.66 -6.23
CA VAL A 183 4.62 12.26 -7.42
C VAL A 183 6.06 12.74 -7.34
N LEU A 184 6.99 11.79 -7.25
CA LEU A 184 8.42 12.07 -7.18
C LEU A 184 9.03 12.15 -8.58
N PRO A 185 10.15 12.88 -8.73
CA PRO A 185 10.81 12.95 -10.04
C PRO A 185 11.20 11.56 -10.55
N VAL A 186 11.01 11.32 -11.84
CA VAL A 186 11.19 9.99 -12.44
C VAL A 186 12.59 9.40 -12.24
N GLU A 187 13.60 10.26 -12.15
CA GLU A 187 14.98 9.84 -11.90
C GLU A 187 15.19 9.34 -10.47
N HIS A 188 14.46 9.92 -9.52
CA HIS A 188 14.50 9.49 -8.13
C HIS A 188 13.88 8.11 -7.98
N ILE A 189 12.79 7.87 -8.71
CA ILE A 189 12.12 6.57 -8.75
C ILE A 189 13.04 5.51 -9.38
N LEU A 190 13.71 5.89 -10.46
CA LEU A 190 14.65 5.02 -11.14
C LEU A 190 15.80 4.59 -10.22
N TYR A 191 16.43 5.56 -9.57
CA TYR A 191 17.56 5.31 -8.69
C TYR A 191 17.22 4.50 -7.44
N THR A 192 16.00 4.71 -6.91
CA THR A 192 15.50 3.92 -5.79
C THR A 192 15.34 2.45 -6.21
N ARG A 193 14.83 2.25 -7.43
CA ARG A 193 14.71 0.92 -8.02
C ARG A 193 16.08 0.28 -8.29
N MET A 194 17.06 1.11 -8.63
CA MET A 194 18.44 0.65 -8.78
C MET A 194 19.00 0.20 -7.43
N MET A 195 18.71 0.95 -6.38
CA MET A 195 19.28 0.70 -5.06
C MET A 195 18.65 -0.48 -4.31
N ILE A 196 17.34 -0.64 -4.43
CA ILE A 196 16.63 -1.67 -3.65
C ILE A 196 15.69 -2.58 -4.47
N GLY A 197 15.74 -2.46 -5.79
CA GLY A 197 14.87 -3.24 -6.68
C GLY A 197 15.05 -4.75 -6.58
N ARG A 198 16.30 -5.20 -6.45
CA ARG A 198 16.64 -6.61 -6.29
C ARG A 198 16.03 -7.16 -5.00
N PHE A 199 16.17 -6.39 -3.92
CA PHE A 199 15.55 -6.69 -2.64
C PHE A 199 14.03 -6.75 -2.77
N CYS A 200 13.45 -5.75 -3.43
CA CYS A 200 12.00 -5.67 -3.64
C CYS A 200 11.43 -6.88 -4.40
N ALA A 201 12.13 -7.33 -5.44
CA ALA A 201 11.73 -8.51 -6.20
C ALA A 201 11.75 -9.77 -5.33
N GLN A 202 12.76 -9.91 -4.49
CA GLN A 202 12.88 -11.03 -3.56
C GLN A 202 11.75 -11.10 -2.53
N MET A 203 11.34 -9.94 -2.01
CA MET A 203 10.25 -9.88 -1.04
C MET A 203 8.91 -10.30 -1.64
N HIS A 204 8.66 -9.90 -2.89
CA HIS A 204 7.47 -10.33 -3.62
C HIS A 204 7.46 -11.84 -3.81
N SER A 205 8.61 -12.39 -4.19
CA SER A 205 8.77 -13.82 -4.43
C SER A 205 8.63 -14.65 -3.16
N ASN A 206 9.07 -14.08 -2.04
CA ASN A 206 9.06 -14.78 -0.76
C ASN A 206 7.98 -14.30 0.20
N ASN A 207 6.90 -13.74 -0.34
CA ASN A 207 5.80 -13.23 0.49
C ASN A 207 5.18 -14.32 1.37
N GLY A 208 4.73 -13.92 2.55
CA GLY A 208 4.15 -14.86 3.50
C GLY A 208 4.39 -14.48 4.95
N PRO A 209 3.82 -15.26 5.89
CA PRO A 209 3.94 -15.04 7.33
C PRO A 209 5.39 -15.02 7.84
N GLN A 210 6.27 -15.80 7.22
CA GLN A 210 7.67 -15.90 7.66
C GLN A 210 8.41 -14.55 7.62
N ILE A 211 8.11 -13.73 6.61
CA ILE A 211 8.67 -12.38 6.51
C ILE A 211 7.65 -11.29 6.89
N GLY A 212 6.43 -11.71 7.22
CA GLY A 212 5.35 -10.80 7.62
C GLY A 212 4.86 -9.86 6.53
N SER A 213 5.04 -10.27 5.28
CA SER A 213 4.67 -9.43 4.15
C SER A 213 3.80 -10.19 3.15
N ALA A 214 2.72 -9.54 2.72
CA ALA A 214 1.83 -10.08 1.70
C ALA A 214 2.01 -9.33 0.38
N VAL A 215 2.94 -8.38 0.35
CA VAL A 215 3.21 -7.62 -0.88
C VAL A 215 3.70 -8.56 -1.98
N GLY A 216 3.00 -8.55 -3.12
CA GLY A 216 3.30 -9.46 -4.22
C GLY A 216 2.48 -10.74 -4.19
N CYS A 217 1.50 -10.81 -3.28
CA CYS A 217 0.65 -12.00 -3.18
C CYS A 217 -0.47 -11.99 -4.21
N ASN A 218 -1.04 -13.17 -4.43
CA ASN A 218 -2.22 -13.33 -5.27
C ASN A 218 -3.31 -13.95 -4.42
N PRO A 219 -4.23 -13.12 -3.89
CA PRO A 219 -5.26 -13.59 -2.94
C PRO A 219 -6.04 -14.82 -3.39
N ASP A 220 -6.25 -14.97 -4.70
CA ASP A 220 -6.90 -16.15 -5.27
C ASP A 220 -6.21 -17.46 -4.89
N VAL A 221 -4.89 -17.46 -4.98
CA VAL A 221 -4.11 -18.66 -4.71
C VAL A 221 -3.52 -18.67 -3.30
N ASP A 222 -3.27 -17.48 -2.75
CA ASP A 222 -2.55 -17.35 -1.48
C ASP A 222 -3.43 -17.36 -0.23
N TRP A 223 -4.73 -17.13 -0.39
CA TRP A 223 -5.67 -17.19 0.73
C TRP A 223 -5.72 -18.57 1.40
N GLN A 224 -5.51 -19.61 0.62
CA GLN A 224 -5.39 -20.98 1.14
C GLN A 224 -4.14 -21.12 2.02
N ARG A 225 -3.02 -20.58 1.54
CA ARG A 225 -1.75 -20.60 2.27
C ARG A 225 -1.84 -19.77 3.55
N PHE A 226 -2.34 -18.53 3.44
CA PHE A 226 -2.50 -17.64 4.59
C PHE A 226 -3.53 -18.15 5.58
N GLY A 227 -4.69 -18.57 5.08
CA GLY A 227 -5.81 -19.03 5.91
C GLY A 227 -5.49 -20.22 6.79
N THR A 228 -4.82 -21.21 6.22
CA THR A 228 -4.46 -22.43 6.96
C THR A 228 -3.39 -22.16 8.02
N HIS A 229 -2.53 -21.18 7.77
CA HIS A 229 -1.50 -20.78 8.73
C HIS A 229 -2.13 -20.14 9.97
N PHE A 230 -2.94 -19.11 9.78
CA PHE A 230 -3.57 -18.38 10.89
C PHE A 230 -4.63 -19.19 11.64
N ALA A 231 -5.17 -20.21 10.99
CA ALA A 231 -6.17 -21.10 11.60
C ALA A 231 -5.61 -21.93 12.76
N GLN A 232 -4.28 -22.02 12.82
CA GLN A 232 -3.58 -22.83 13.83
C GLN A 232 -3.46 -22.14 15.20
N TYR A 233 -3.75 -20.85 15.25
CA TYR A 233 -3.51 -20.05 16.45
C TYR A 233 -4.78 -19.76 17.26
N ARG A 234 -4.62 -19.65 18.58
CA ARG A 234 -5.73 -19.44 19.50
C ARG A 234 -6.41 -18.08 19.34
N ASN A 235 -5.60 -17.04 19.21
CA ASN A 235 -6.10 -15.67 19.08
C ASN A 235 -5.65 -15.02 17.77
N VAL A 236 -6.59 -14.34 17.11
CA VAL A 236 -6.31 -13.59 15.89
C VAL A 236 -6.86 -12.17 16.04
N TRP A 237 -6.04 -11.18 15.68
CA TRP A 237 -6.42 -9.77 15.83
C TRP A 237 -6.51 -9.04 14.50
N ASP A 238 -7.59 -8.29 14.33
CA ASP A 238 -7.76 -7.41 13.18
C ASP A 238 -7.49 -5.98 13.66
N VAL A 239 -6.31 -5.46 13.31
CA VAL A 239 -5.83 -4.18 13.82
C VAL A 239 -5.88 -3.09 12.75
N ASP A 240 -6.53 -1.98 13.07
CA ASP A 240 -6.62 -0.83 12.17
C ASP A 240 -5.77 0.34 12.65
N TYR A 241 -5.10 0.99 11.70
CA TYR A 241 -4.36 2.23 11.97
C TYR A 241 -5.13 3.41 11.41
N SER A 242 -4.92 4.59 12.00
CA SER A 242 -5.43 5.83 11.42
C SER A 242 -4.26 6.68 10.90
N ALA A 243 -4.24 6.91 9.60
CA ALA A 243 -3.18 7.66 8.91
C ALA A 243 -1.78 7.10 9.18
N PHE A 244 -1.63 5.81 8.91
CA PHE A 244 -0.39 5.05 9.10
C PHE A 244 0.80 5.71 8.41
N ASP A 245 0.69 5.92 7.10
CA ASP A 245 1.75 6.47 6.26
C ASP A 245 2.24 7.84 6.75
N ALA A 246 1.29 8.71 7.09
CA ALA A 246 1.58 10.07 7.53
C ALA A 246 2.21 10.12 8.92
N ASN A 247 1.85 9.17 9.78
CA ASN A 247 2.27 9.15 11.18
C ASN A 247 3.60 8.46 11.47
N HIS A 248 4.28 7.99 10.43
CA HIS A 248 5.64 7.46 10.58
C HIS A 248 6.57 8.59 10.99
N CYS A 249 7.10 8.53 12.20
CA CYS A 249 7.99 9.58 12.68
C CYS A 249 9.40 9.45 12.09
N SER A 250 10.11 10.57 12.03
CA SER A 250 11.45 10.62 11.46
C SER A 250 12.43 9.66 12.13
N ASP A 251 12.34 9.56 13.46
CA ASP A 251 13.19 8.64 14.23
C ASP A 251 13.01 7.19 13.80
N ALA A 252 11.75 6.75 13.72
CA ALA A 252 11.43 5.38 13.31
C ALA A 252 11.89 5.09 11.88
N MET A 253 11.65 6.05 10.98
CA MET A 253 12.05 5.92 9.58
C MET A 253 13.56 5.80 9.41
N ASN A 254 14.28 6.74 10.04
CA ASN A 254 15.75 6.76 9.97
C ASN A 254 16.39 5.48 10.50
N ILE A 255 15.94 5.04 11.67
CA ILE A 255 16.48 3.83 12.31
C ILE A 255 16.20 2.56 11.47
N MET A 256 14.97 2.44 10.96
CA MET A 256 14.61 1.33 10.07
C MET A 256 15.52 1.25 8.84
N PHE A 257 15.69 2.38 8.16
CA PHE A 257 16.54 2.46 6.96
C PHE A 257 18.00 2.07 7.27
N GLU A 258 18.47 2.50 8.45
CA GLU A 258 19.83 2.21 8.92
C GLU A 258 20.06 0.73 9.20
N GLU A 259 19.03 0.06 9.73
CA GLU A 259 19.17 -1.34 10.15
C GLU A 259 18.85 -2.37 9.06
N VAL A 260 17.88 -2.06 8.21
CA VAL A 260 17.46 -2.98 7.15
C VAL A 260 18.40 -2.95 5.94
N PHE A 261 18.76 -1.75 5.51
CA PHE A 261 19.47 -1.59 4.24
C PHE A 261 20.98 -1.36 4.41
N ARG A 262 21.58 -2.16 5.28
CA ARG A 262 23.02 -2.10 5.57
C ARG A 262 23.84 -2.74 4.46
N THR A 263 25.04 -2.21 4.24
CA THR A 263 25.97 -2.74 3.24
C THR A 263 26.36 -4.20 3.53
N GLU A 264 26.37 -4.58 4.81
CA GLU A 264 26.66 -5.95 5.23
C GLU A 264 25.58 -6.96 4.80
N PHE A 265 24.42 -6.46 4.38
CA PHE A 265 23.37 -7.30 3.82
C PHE A 265 23.38 -7.33 2.29
N GLY A 266 24.43 -6.74 1.69
CA GLY A 266 24.62 -6.78 0.26
C GLY A 266 24.23 -5.52 -0.51
N PHE A 267 23.75 -4.51 0.22
CA PHE A 267 23.28 -3.26 -0.38
C PHE A 267 24.41 -2.29 -0.71
N HIS A 268 24.20 -1.51 -1.77
CA HIS A 268 25.03 -0.36 -2.08
C HIS A 268 24.87 0.66 -0.95
N PRO A 269 25.96 1.37 -0.59
CA PRO A 269 25.88 2.42 0.45
C PRO A 269 24.76 3.46 0.25
N ASN A 270 24.41 3.72 -1.02
CA ASN A 270 23.42 4.75 -1.34
C ASN A 270 21.95 4.30 -1.21
N ALA A 271 21.75 3.03 -0.88
CA ALA A 271 20.41 2.51 -0.62
C ALA A 271 19.79 3.21 0.58
N GLU A 272 20.55 3.28 1.67
CA GLU A 272 20.13 3.98 2.89
C GLU A 272 19.96 5.48 2.64
N TRP A 273 20.85 6.07 1.85
CA TRP A 273 20.80 7.50 1.57
C TRP A 273 19.53 7.93 0.83
N ILE A 274 19.21 7.24 -0.27
CA ILE A 274 18.06 7.59 -1.11
C ILE A 274 16.72 7.39 -0.38
N LEU A 275 16.66 6.40 0.52
CA LEU A 275 15.47 6.18 1.33
C LEU A 275 15.32 7.27 2.40
N LYS A 276 16.45 7.73 2.94
CA LYS A 276 16.46 8.81 3.93
C LYS A 276 16.02 10.17 3.38
N THR A 277 16.05 10.33 2.05
CA THR A 277 15.58 11.56 1.39
C THR A 277 14.05 11.69 1.42
N LEU A 278 13.37 10.62 1.83
CA LEU A 278 11.91 10.61 1.92
C LEU A 278 11.41 11.14 3.26
N VAL A 279 12.34 11.34 4.20
CA VAL A 279 12.02 11.74 5.56
C VAL A 279 11.69 13.23 5.64
N ASN A 280 12.57 14.07 5.10
CA ASN A 280 12.33 15.51 5.01
C ASN A 280 12.11 15.91 3.56
N THR A 281 10.86 16.25 3.23
CA THR A 281 10.45 16.49 1.85
C THR A 281 9.79 17.85 1.62
N GLU A 282 9.92 18.36 0.42
CA GLU A 282 9.21 19.56 -0.03
C GLU A 282 8.10 19.15 -0.98
N HIS A 283 6.91 19.71 -0.78
CA HIS A 283 5.74 19.37 -1.59
C HIS A 283 5.22 20.59 -2.36
N ALA A 284 4.94 20.39 -3.63
CA ALA A 284 4.45 21.46 -4.49
C ALA A 284 2.99 21.27 -4.87
N TYR A 285 2.14 22.12 -4.31
CA TYR A 285 0.72 22.16 -4.65
C TYR A 285 0.34 23.56 -5.09
N GLU A 286 0.10 23.71 -6.40
CA GLU A 286 -0.18 25.00 -7.03
C GLU A 286 0.95 26.02 -6.76
N ASN A 287 0.61 27.15 -6.13
CA ASN A 287 1.56 28.19 -5.81
C ASN A 287 2.32 27.97 -4.50
N LYS A 288 1.81 27.06 -3.67
CA LYS A 288 2.37 26.83 -2.34
C LYS A 288 3.38 25.69 -2.30
N ARG A 289 4.46 25.92 -1.55
CA ARG A 289 5.50 24.92 -1.32
C ARG A 289 5.55 24.57 0.16
N ILE A 290 5.21 23.33 0.49
CA ILE A 290 5.09 22.88 1.87
C ILE A 290 6.22 21.93 2.23
N THR A 291 6.98 22.28 3.26
CA THR A 291 8.05 21.44 3.77
C THR A 291 7.52 20.57 4.91
N VAL A 292 7.66 19.26 4.76
CA VAL A 292 7.16 18.29 5.74
C VAL A 292 8.31 17.48 6.34
N GLU A 293 8.28 17.31 7.66
CA GLU A 293 9.25 16.47 8.36
C GLU A 293 8.58 15.22 8.91
N GLY A 294 9.07 14.07 8.47
CA GLY A 294 8.48 12.78 8.84
C GLY A 294 7.40 12.35 7.87
N GLY A 295 6.99 11.09 7.97
CA GLY A 295 5.96 10.53 7.10
C GLY A 295 6.49 10.00 5.78
N MET A 296 5.71 9.13 5.15
CA MET A 296 6.09 8.51 3.88
C MET A 296 5.29 9.07 2.70
N PRO A 297 5.99 9.57 1.67
CA PRO A 297 5.36 9.90 0.38
C PRO A 297 4.81 8.63 -0.28
N SER A 298 3.70 8.77 -1.00
CA SER A 298 3.02 7.62 -1.59
C SER A 298 3.50 7.27 -3.00
N GLY A 299 4.04 8.26 -3.70
CA GLY A 299 4.50 8.06 -5.07
C GLY A 299 5.93 7.59 -5.18
N CYS A 300 6.58 7.42 -4.03
CA CYS A 300 7.95 6.94 -4.01
C CYS A 300 7.98 5.46 -4.35
N SER A 301 9.08 5.02 -4.97
CA SER A 301 9.29 3.61 -5.26
C SER A 301 9.33 2.83 -3.95
N ALA A 302 8.61 1.70 -3.92
CA ALA A 302 8.59 0.76 -2.79
C ALA A 302 7.93 1.27 -1.51
N THR A 303 6.88 2.09 -1.65
CA THR A 303 6.13 2.58 -0.48
C THR A 303 5.41 1.45 0.27
N SER A 304 4.86 0.47 -0.47
CA SER A 304 4.17 -0.66 0.12
C SER A 304 5.13 -1.52 0.95
N ILE A 305 6.30 -1.79 0.41
CA ILE A 305 7.33 -2.58 1.10
C ILE A 305 7.84 -1.88 2.35
N ILE A 306 8.13 -0.58 2.24
CA ILE A 306 8.60 0.22 3.36
C ILE A 306 7.56 0.27 4.49
N ASN A 307 6.31 0.57 4.13
CA ASN A 307 5.20 0.58 5.09
C ASN A 307 5.00 -0.78 5.76
N THR A 308 5.16 -1.85 4.98
CA THR A 308 5.04 -3.22 5.48
C THR A 308 6.14 -3.58 6.49
N ILE A 309 7.38 -3.21 6.16
CA ILE A 309 8.53 -3.42 7.06
C ILE A 309 8.32 -2.67 8.39
N LEU A 310 7.89 -1.42 8.31
CA LEU A 310 7.60 -0.61 9.50
C LEU A 310 6.53 -1.25 10.39
N ASN A 311 5.47 -1.75 9.75
CA ASN A 311 4.38 -2.44 10.45
C ASN A 311 4.87 -3.63 11.28
N ASN A 312 5.76 -4.43 10.68
CA ASN A 312 6.38 -5.56 11.37
C ASN A 312 7.22 -5.16 12.59
N ILE A 313 7.99 -4.08 12.44
CA ILE A 313 8.84 -3.60 13.52
C ILE A 313 8.00 -2.96 14.63
N TYR A 314 6.94 -2.25 14.25
CA TYR A 314 6.00 -1.64 15.20
C TYR A 314 5.38 -2.66 16.16
N VAL A 315 4.96 -3.80 15.62
CA VAL A 315 4.33 -4.85 16.43
C VAL A 315 5.33 -5.44 17.43
N LEU A 316 6.54 -5.71 16.98
CA LEU A 316 7.59 -6.25 17.83
C LEU A 316 7.98 -5.24 18.92
N TYR A 317 8.06 -3.97 18.53
CA TYR A 317 8.38 -2.87 19.44
C TYR A 317 7.33 -2.73 20.54
N ALA A 318 6.06 -2.72 20.16
CA ALA A 318 4.97 -2.51 21.10
C ALA A 318 4.83 -3.66 22.11
N LEU A 319 5.04 -4.88 21.62
CA LEU A 319 5.00 -6.07 22.47
C LEU A 319 6.18 -6.14 23.44
N ARG A 320 7.35 -5.70 22.98
CA ARG A 320 8.56 -5.69 23.81
C ARG A 320 8.54 -4.54 24.83
N ARG A 321 7.79 -3.49 24.52
CA ARG A 321 7.64 -2.35 25.42
C ARG A 321 6.67 -2.68 26.57
N HIS A 322 5.84 -3.69 26.35
CA HIS A 322 4.84 -4.10 27.34
C HIS A 322 5.19 -5.41 28.05
N TYR A 323 5.63 -6.41 27.29
CA TYR A 323 5.94 -7.72 27.84
C TYR A 323 7.44 -8.03 27.85
N GLU A 324 7.85 -8.83 28.83
CA GLU A 324 9.21 -9.36 28.90
C GLU A 324 9.33 -10.65 28.09
N GLY A 325 10.49 -10.86 27.49
CA GLY A 325 10.80 -12.11 26.79
C GLY A 325 10.10 -12.31 25.45
N VAL A 326 9.74 -11.21 24.80
CA VAL A 326 9.08 -11.27 23.49
C VAL A 326 10.11 -11.44 22.38
N GLU A 327 9.89 -12.44 21.52
CA GLU A 327 10.71 -12.67 20.33
C GLU A 327 9.82 -12.76 19.10
N LEU A 328 10.42 -12.97 17.93
CA LEU A 328 9.67 -13.06 16.68
C LEU A 328 8.76 -14.30 16.60
N ASP A 329 9.06 -15.30 17.41
CA ASP A 329 8.27 -16.53 17.45
C ASP A 329 7.15 -16.51 18.51
N THR A 330 7.05 -15.41 19.25
CA THR A 330 5.99 -15.21 20.23
C THR A 330 4.63 -15.07 19.54
N TYR A 331 4.65 -14.53 18.32
CA TYR A 331 3.45 -14.26 17.54
C TYR A 331 3.72 -14.53 16.06
N THR A 332 2.68 -14.37 15.25
CA THR A 332 2.81 -14.40 13.80
C THR A 332 1.99 -13.25 13.20
N MET A 333 2.41 -12.76 12.03
CA MET A 333 1.70 -11.67 11.39
C MET A 333 1.89 -11.62 9.88
N ILE A 334 0.90 -11.03 9.21
CA ILE A 334 1.00 -10.73 7.79
C ILE A 334 0.58 -9.28 7.59
N SER A 335 1.34 -8.56 6.77
CA SER A 335 1.10 -7.14 6.56
C SER A 335 1.17 -6.77 5.08
N TYR A 336 0.30 -5.84 4.69
CA TYR A 336 0.40 -5.19 3.37
C TYR A 336 0.21 -3.69 3.59
N GLY A 337 1.33 -2.97 3.62
CA GLY A 337 1.31 -1.57 4.02
C GLY A 337 0.77 -1.47 5.44
N ASP A 338 -0.29 -0.66 5.61
CA ASP A 338 -0.93 -0.46 6.91
C ASP A 338 -1.86 -1.62 7.31
N ASP A 339 -2.31 -2.39 6.33
CA ASP A 339 -3.21 -3.51 6.56
C ASP A 339 -2.46 -4.65 7.26
N ILE A 340 -3.09 -5.24 8.27
CA ILE A 340 -2.40 -6.15 9.17
C ILE A 340 -3.34 -7.17 9.84
N VAL A 341 -2.88 -8.42 9.89
CA VAL A 341 -3.49 -9.48 10.70
C VAL A 341 -2.40 -10.06 11.62
N VAL A 342 -2.67 -10.07 12.93
CA VAL A 342 -1.74 -10.61 13.92
C VAL A 342 -2.38 -11.85 14.59
N ALA A 343 -1.55 -12.83 14.95
CA ALA A 343 -2.02 -14.02 15.68
C ALA A 343 -0.98 -14.58 16.65
N SER A 344 -1.46 -15.19 17.74
CA SER A 344 -0.62 -15.79 18.76
C SER A 344 -1.37 -16.85 19.56
N ASP A 345 -0.62 -17.79 20.15
CA ASP A 345 -1.19 -18.75 21.10
C ASP A 345 -1.26 -18.14 22.50
N TYR A 346 -0.47 -17.10 22.73
CA TYR A 346 -0.53 -16.33 23.97
C TYR A 346 -1.68 -15.34 23.93
N ASP A 347 -2.30 -15.13 25.09
CA ASP A 347 -3.41 -14.17 25.22
C ASP A 347 -2.86 -12.75 25.37
N LEU A 348 -2.46 -12.16 24.24
CA LEU A 348 -1.86 -10.83 24.24
C LEU A 348 -2.93 -9.74 24.42
N ASP A 349 -2.68 -8.82 25.35
CA ASP A 349 -3.57 -7.71 25.62
C ASP A 349 -3.27 -6.57 24.64
N PHE A 350 -3.98 -6.58 23.52
CA PHE A 350 -3.79 -5.56 22.48
C PHE A 350 -4.34 -4.18 22.88
N GLU A 351 -5.31 -4.18 23.80
CA GLU A 351 -5.84 -2.94 24.36
C GLU A 351 -4.78 -2.22 25.19
N ALA A 352 -3.94 -2.99 25.87
CA ALA A 352 -2.83 -2.45 26.66
C ALA A 352 -1.65 -1.97 25.80
N LEU A 353 -1.62 -2.41 24.54
CA LEU A 353 -0.56 -2.02 23.61
C LEU A 353 -0.78 -0.65 22.98
N LYS A 354 -1.98 -0.08 23.17
CA LYS A 354 -2.35 1.21 22.57
C LYS A 354 -1.36 2.37 22.86
N PRO A 355 -1.02 2.63 24.14
CA PRO A 355 -0.07 3.72 24.40
C PRO A 355 1.35 3.43 23.90
N HIS A 356 1.67 2.16 23.67
CA HIS A 356 2.98 1.78 23.14
C HIS A 356 3.09 2.08 21.65
N PHE A 357 1.99 1.90 20.92
CA PHE A 357 1.88 2.35 19.54
C PHE A 357 1.86 3.88 19.45
N LYS A 358 1.26 4.52 20.45
CA LYS A 358 1.21 5.97 20.56
C LYS A 358 2.59 6.63 20.71
N SER A 359 3.51 5.93 21.37
CA SER A 359 4.89 6.39 21.50
C SER A 359 5.63 6.41 20.15
N LEU A 360 5.00 5.80 19.14
CA LEU A 360 5.46 5.85 17.76
C LEU A 360 4.63 6.82 16.93
N GLY A 361 3.59 7.39 17.57
CA GLY A 361 2.66 8.30 16.90
C GLY A 361 1.57 7.59 16.13
N GLN A 362 1.38 6.30 16.40
CA GLN A 362 0.38 5.50 15.72
C GLN A 362 -0.82 5.21 16.62
N THR A 363 -2.02 5.22 16.02
CA THR A 363 -3.26 4.97 16.76
C THR A 363 -3.92 3.68 16.27
N ILE A 364 -4.01 2.69 17.15
CA ILE A 364 -4.60 1.39 16.80
C ILE A 364 -5.99 1.19 17.39
N THR A 365 -6.88 0.63 16.57
CA THR A 365 -8.24 0.28 16.98
C THR A 365 -8.64 -1.05 16.35
N PRO A 366 -9.54 -1.82 17.01
CA PRO A 366 -10.04 -3.04 16.38
C PRO A 366 -10.90 -2.73 15.15
N ALA A 367 -10.78 -3.56 14.13
CA ALA A 367 -11.51 -3.37 12.87
C ALA A 367 -13.02 -3.39 13.06
N ASP A 368 -13.52 -4.36 13.82
CA ASP A 368 -14.96 -4.45 14.10
C ASP A 368 -15.36 -3.54 15.25
N LYS A 369 -16.40 -2.73 15.01
CA LYS A 369 -16.84 -1.73 15.98
C LYS A 369 -18.02 -2.22 16.83
N SER A 370 -18.07 -3.53 17.04
CA SER A 370 -19.07 -4.15 17.90
C SER A 370 -18.66 -4.06 19.38
N ASP A 371 -17.40 -4.40 19.64
CA ASP A 371 -16.85 -4.34 20.99
C ASP A 371 -16.14 -3.01 21.25
N LYS A 372 -16.10 -2.61 22.51
CA LYS A 372 -15.44 -1.36 22.91
C LYS A 372 -13.95 -1.58 23.22
N GLY A 373 -13.27 -2.27 22.31
CA GLY A 373 -11.84 -2.57 22.44
C GLY A 373 -11.45 -3.90 21.82
N PHE A 374 -10.17 -4.26 21.98
CA PHE A 374 -9.66 -5.54 21.51
C PHE A 374 -10.10 -6.68 22.42
N VAL A 375 -10.49 -7.80 21.81
CA VAL A 375 -10.92 -8.98 22.56
C VAL A 375 -10.24 -10.26 22.06
N LEU A 376 -10.16 -11.26 22.94
CA LEU A 376 -9.51 -12.53 22.64
C LEU A 376 -10.48 -13.52 21.99
N GLY A 377 -9.92 -14.60 21.43
CA GLY A 377 -10.72 -15.72 20.94
C GLY A 377 -11.20 -15.62 19.50
N HIS A 378 -10.78 -14.58 18.78
CA HIS A 378 -11.15 -14.43 17.37
C HIS A 378 -10.31 -15.34 16.48
N SER A 379 -10.92 -15.76 15.37
CA SER A 379 -10.27 -16.66 14.41
C SER A 379 -10.02 -15.96 13.07
N ILE A 380 -9.34 -16.66 12.16
CA ILE A 380 -9.04 -16.12 10.83
C ILE A 380 -10.31 -15.85 10.01
N THR A 381 -11.37 -16.63 10.28
CA THR A 381 -12.66 -16.48 9.59
C THR A 381 -13.48 -15.30 10.11
N ASP A 382 -12.92 -14.55 11.06
CA ASP A 382 -13.59 -13.38 11.61
C ASP A 382 -13.02 -12.06 11.08
N VAL A 383 -11.78 -12.11 10.58
CA VAL A 383 -11.05 -10.90 10.19
C VAL A 383 -11.15 -10.57 8.69
N THR A 384 -10.71 -9.36 8.35
CA THR A 384 -10.61 -8.92 6.95
C THR A 384 -9.16 -8.53 6.65
N PHE A 385 -8.70 -8.91 5.46
CA PHE A 385 -7.37 -8.55 4.98
C PHE A 385 -7.46 -8.23 3.50
N LEU A 386 -6.91 -7.08 3.11
CA LEU A 386 -6.98 -6.58 1.74
C LEU A 386 -8.44 -6.50 1.24
N LYS A 387 -9.31 -6.00 2.12
CA LYS A 387 -10.75 -5.88 1.89
C LYS A 387 -11.46 -7.22 1.61
N ARG A 388 -10.82 -8.32 2.01
CA ARG A 388 -11.32 -9.67 1.75
C ARG A 388 -11.47 -10.47 3.04
N HIS A 389 -12.59 -11.15 3.20
CA HIS A 389 -12.81 -12.08 4.30
C HIS A 389 -12.15 -13.42 3.99
N PHE A 390 -11.94 -14.24 5.02
CA PHE A 390 -11.45 -15.60 4.87
C PHE A 390 -12.62 -16.57 5.02
N HIS A 391 -13.11 -17.08 3.89
CA HIS A 391 -14.24 -18.01 3.88
C HIS A 391 -13.80 -19.36 3.34
N MET A 392 -14.38 -20.43 3.87
CA MET A 392 -14.12 -21.77 3.38
C MET A 392 -15.00 -22.07 2.16
N ASP A 393 -14.39 -22.58 1.10
CA ASP A 393 -15.12 -23.06 -0.06
C ASP A 393 -15.50 -24.52 0.19
N TYR A 394 -16.80 -24.77 0.30
CA TYR A 394 -17.31 -26.11 0.66
C TYR A 394 -17.06 -27.18 -0.41
N GLY A 395 -16.94 -26.73 -1.67
CA GLY A 395 -16.69 -27.63 -2.79
C GLY A 395 -15.30 -28.25 -2.80
N THR A 396 -14.31 -27.48 -2.35
CA THR A 396 -12.90 -27.90 -2.44
C THR A 396 -12.21 -28.04 -1.09
N GLY A 397 -12.75 -27.37 -0.06
CA GLY A 397 -12.12 -27.33 1.25
C GLY A 397 -10.96 -26.35 1.33
N PHE A 398 -10.91 -25.41 0.37
CA PHE A 398 -9.89 -24.36 0.38
C PHE A 398 -10.47 -23.02 0.82
N TYR A 399 -9.64 -22.20 1.47
CA TYR A 399 -10.01 -20.83 1.80
C TYR A 399 -10.10 -19.98 0.53
N LYS A 400 -11.11 -19.12 0.49
CA LYS A 400 -11.31 -18.21 -0.65
C LYS A 400 -11.48 -16.77 -0.16
N PRO A 401 -11.00 -15.79 -0.95
CA PRO A 401 -11.15 -14.37 -0.58
C PRO A 401 -12.52 -13.81 -0.97
N VAL A 402 -13.34 -13.50 0.03
CA VAL A 402 -14.68 -12.97 -0.20
C VAL A 402 -14.76 -11.48 0.17
N MET A 403 -15.03 -10.64 -0.83
CA MET A 403 -15.27 -9.22 -0.59
C MET A 403 -16.74 -9.01 -0.24
N ALA A 404 -17.01 -8.03 0.61
CA ALA A 404 -18.37 -7.66 0.98
C ALA A 404 -19.14 -7.20 -0.25
N SER A 405 -20.42 -7.56 -0.30
CA SER A 405 -21.29 -7.22 -1.43
C SER A 405 -21.42 -5.71 -1.66
N LYS A 406 -21.48 -4.95 -0.57
CA LYS A 406 -21.58 -3.49 -0.66
C LYS A 406 -20.34 -2.87 -1.29
N THR A 407 -19.19 -3.47 -1.04
CA THR A 407 -17.92 -3.07 -1.67
C THR A 407 -17.94 -3.35 -3.17
N LEU A 408 -18.33 -4.57 -3.54
CA LEU A 408 -18.42 -4.96 -4.95
C LEU A 408 -19.44 -4.12 -5.71
N GLU A 409 -20.55 -3.79 -5.06
CA GLU A 409 -21.58 -2.93 -5.62
C GLU A 409 -21.05 -1.52 -5.89
N ALA A 410 -20.28 -0.99 -4.95
CA ALA A 410 -19.67 0.32 -5.07
C ALA A 410 -18.66 0.36 -6.22
N ILE A 411 -17.86 -0.71 -6.33
CA ILE A 411 -16.90 -0.88 -7.42
C ILE A 411 -17.60 -0.92 -8.78
N LEU A 412 -18.70 -1.67 -8.87
CA LEU A 412 -19.44 -1.84 -10.12
C LEU A 412 -20.28 -0.63 -10.53
N SER A 413 -20.47 0.30 -9.60
CA SER A 413 -21.33 1.47 -9.83
C SER A 413 -20.66 2.61 -10.60
N PHE A 414 -19.33 2.58 -10.69
CA PHE A 414 -18.58 3.63 -11.37
C PHE A 414 -17.52 3.02 -12.28
N ALA A 415 -17.15 3.75 -13.34
CA ALA A 415 -16.08 3.35 -14.24
C ALA A 415 -15.54 4.52 -15.04
N ARG A 416 -14.27 4.45 -15.41
CA ARG A 416 -13.68 5.42 -16.34
C ARG A 416 -14.19 5.13 -17.74
N ARG A 417 -14.40 6.19 -18.52
CA ARG A 417 -15.02 6.10 -19.84
C ARG A 417 -14.34 5.10 -20.77
N GLY A 418 -15.15 4.26 -21.40
CA GLY A 418 -14.66 3.26 -22.35
C GLY A 418 -13.92 2.08 -21.78
N THR A 419 -14.00 1.88 -20.47
CA THR A 419 -13.27 0.80 -19.79
C THR A 419 -14.19 -0.22 -19.09
N ILE A 420 -15.49 -0.07 -19.24
CA ILE A 420 -16.48 -0.86 -18.50
C ILE A 420 -16.35 -2.37 -18.71
N GLN A 421 -16.20 -2.79 -19.97
CA GLN A 421 -16.09 -4.21 -20.32
C GLN A 421 -14.86 -4.87 -19.68
N GLU A 422 -13.71 -4.19 -19.78
CA GLU A 422 -12.47 -4.67 -19.18
C GLU A 422 -12.58 -4.68 -17.65
N LYS A 423 -13.25 -3.68 -17.09
CA LYS A 423 -13.47 -3.62 -15.65
C LYS A 423 -14.34 -4.78 -15.15
N LEU A 424 -15.43 -5.07 -15.88
CA LEU A 424 -16.35 -6.14 -15.51
C LEU A 424 -15.67 -7.51 -15.41
N ILE A 425 -14.78 -7.81 -16.35
CA ILE A 425 -14.01 -9.06 -16.37
C ILE A 425 -13.08 -9.15 -15.17
N SER A 426 -12.48 -8.03 -14.78
CA SER A 426 -11.64 -7.96 -13.59
C SER A 426 -12.43 -8.17 -12.30
N VAL A 427 -13.56 -7.46 -12.18
CA VAL A 427 -14.40 -7.54 -10.98
C VAL A 427 -15.07 -8.92 -10.84
N ALA A 428 -15.36 -9.55 -11.98
CA ALA A 428 -15.91 -10.90 -12.00
C ALA A 428 -15.00 -11.90 -11.29
N GLY A 429 -13.69 -11.75 -11.46
CA GLY A 429 -12.68 -12.55 -10.77
C GLY A 429 -12.69 -12.37 -9.26
N LEU A 430 -13.16 -11.21 -8.81
CA LEU A 430 -13.32 -10.91 -7.38
C LEU A 430 -14.65 -11.43 -6.85
N ALA A 431 -15.69 -11.33 -7.68
CA ALA A 431 -17.07 -11.61 -7.27
C ALA A 431 -17.42 -13.09 -7.22
N VAL A 432 -16.65 -13.91 -7.95
CA VAL A 432 -16.90 -15.36 -8.03
C VAL A 432 -16.93 -16.05 -6.65
N HIS A 433 -16.15 -15.53 -5.71
CA HIS A 433 -16.03 -16.13 -4.38
C HIS A 433 -17.22 -15.82 -3.47
N SER A 434 -18.10 -14.92 -3.92
CA SER A 434 -19.32 -14.59 -3.18
C SER A 434 -20.42 -15.63 -3.37
N GLY A 435 -20.21 -16.58 -4.29
CA GLY A 435 -21.19 -17.62 -4.56
C GLY A 435 -22.04 -17.31 -5.78
N PRO A 436 -22.73 -18.33 -6.32
CA PRO A 436 -23.48 -18.19 -7.58
C PRO A 436 -24.66 -17.23 -7.48
N ASP A 437 -25.35 -17.22 -6.34
CA ASP A 437 -26.52 -16.36 -6.15
C ASP A 437 -26.14 -14.88 -6.11
N GLU A 438 -25.06 -14.57 -5.40
CA GLU A 438 -24.60 -13.19 -5.27
C GLU A 438 -23.90 -12.71 -6.55
N TYR A 439 -23.11 -13.58 -7.16
CA TYR A 439 -22.46 -13.30 -8.45
C TYR A 439 -23.48 -12.88 -9.50
N ARG A 440 -24.55 -13.67 -9.62
CA ARG A 440 -25.63 -13.41 -10.56
C ARG A 440 -26.29 -12.06 -10.30
N ARG A 441 -26.59 -11.78 -9.03
CA ARG A 441 -27.26 -10.54 -8.62
C ARG A 441 -26.41 -9.28 -8.90
N LEU A 442 -25.10 -9.40 -8.70
CA LEU A 442 -24.18 -8.27 -8.90
C LEU A 442 -24.05 -7.86 -10.36
N PHE A 443 -24.12 -8.84 -11.27
CA PHE A 443 -23.92 -8.59 -12.70
C PHE A 443 -25.21 -8.54 -13.52
N GLU A 444 -26.35 -8.63 -12.83
CA GLU A 444 -27.68 -8.53 -13.46
C GLU A 444 -27.91 -7.24 -14.27
N PRO A 445 -27.54 -6.07 -13.72
CA PRO A 445 -27.73 -4.81 -14.48
C PRO A 445 -26.96 -4.74 -15.81
N PHE A 446 -25.87 -5.50 -15.91
CA PHE A 446 -24.99 -5.45 -17.09
C PHE A 446 -25.37 -6.45 -18.19
N GLN A 447 -26.22 -7.42 -17.85
CA GLN A 447 -26.64 -8.48 -18.79
C GLN A 447 -27.27 -7.94 -20.06
N GLY A 448 -26.78 -8.41 -21.20
CA GLY A 448 -27.23 -7.95 -22.51
C GLY A 448 -26.47 -6.75 -23.03
N LEU A 449 -25.83 -6.01 -22.13
CA LEU A 449 -25.06 -4.82 -22.48
C LEU A 449 -23.57 -5.13 -22.64
N PHE A 450 -23.06 -6.04 -21.82
CA PHE A 450 -21.65 -6.43 -21.86
C PHE A 450 -21.51 -7.94 -21.70
N GLU A 451 -20.35 -8.47 -22.09
CA GLU A 451 -20.02 -9.86 -21.83
C GLU A 451 -19.71 -10.05 -20.35
N ILE A 452 -20.46 -10.95 -19.71
CA ILE A 452 -20.20 -11.35 -18.33
C ILE A 452 -19.75 -12.82 -18.33
N PRO A 453 -18.61 -13.12 -17.69
CA PRO A 453 -18.15 -14.50 -17.59
C PRO A 453 -19.11 -15.33 -16.74
N SER A 454 -19.35 -16.57 -17.15
CA SER A 454 -20.17 -17.48 -16.36
C SER A 454 -19.50 -17.75 -15.03
N TYR A 455 -20.32 -17.95 -13.98
CA TYR A 455 -19.80 -18.35 -12.68
C TYR A 455 -18.97 -19.62 -12.79
N ARG A 456 -19.48 -20.58 -13.57
CA ARG A 456 -18.84 -21.88 -13.78
C ARG A 456 -17.39 -21.78 -14.25
N SER A 457 -17.16 -20.98 -15.30
CA SER A 457 -15.84 -20.85 -15.92
C SER A 457 -14.82 -20.25 -14.97
N LEU A 458 -15.24 -19.28 -14.17
CA LEU A 458 -14.35 -18.63 -13.22
C LEU A 458 -14.10 -19.51 -11.99
N TYR A 459 -15.07 -20.35 -11.64
CA TYR A 459 -14.90 -21.29 -10.53
C TYR A 459 -13.87 -22.36 -10.88
N LEU A 460 -13.98 -22.93 -12.08
CA LEU A 460 -13.05 -23.94 -12.55
C LEU A 460 -11.64 -23.39 -12.74
N ARG A 461 -11.55 -22.14 -13.18
CA ARG A 461 -10.27 -21.43 -13.28
C ARG A 461 -9.61 -21.30 -11.92
N TRP A 462 -10.40 -20.93 -10.90
CA TRP A 462 -9.91 -20.75 -9.54
C TRP A 462 -9.41 -22.05 -8.91
N VAL A 463 -10.14 -23.15 -9.10
CA VAL A 463 -9.77 -24.46 -8.55
C VAL A 463 -8.39 -24.88 -9.04
N ASN A 464 -8.15 -24.75 -10.35
CA ASN A 464 -6.84 -25.06 -10.93
C ASN A 464 -5.74 -24.10 -10.44
N ALA A 465 -6.11 -22.84 -10.23
CA ALA A 465 -5.17 -21.82 -9.78
C ALA A 465 -4.63 -22.11 -8.37
N VAL A 466 -5.53 -22.44 -7.45
CA VAL A 466 -5.16 -22.74 -6.07
C VAL A 466 -4.45 -24.10 -5.94
N CYS A 467 -4.97 -25.12 -6.62
CA CYS A 467 -4.38 -26.46 -6.60
C CYS A 467 -4.59 -27.19 -7.92
N GLY A 468 -3.52 -27.32 -8.69
CA GLY A 468 -3.56 -27.98 -9.99
C GLY A 468 -3.85 -29.47 -9.92
N ASP A 469 -3.31 -30.12 -8.88
CA ASP A 469 -3.53 -31.54 -8.65
C ASP A 469 -5.00 -31.85 -8.33
N ALA A 470 -5.61 -31.02 -7.50
CA ALA A 470 -7.02 -31.18 -7.12
C ALA A 470 -7.98 -31.13 -8.31
N ALA A 471 -7.68 -30.24 -9.26
CA ALA A 471 -8.47 -30.12 -10.48
C ALA A 471 -8.33 -31.36 -11.36
N ALA A 472 -7.10 -31.88 -11.45
CA ALA A 472 -6.81 -33.11 -12.20
C ALA A 472 -7.42 -34.34 -11.53
N LEU A 473 -7.38 -34.37 -10.19
CA LEU A 473 -7.94 -35.48 -9.42
C LEU A 473 -9.47 -35.57 -9.51
N GLU A 474 -10.11 -34.46 -9.87
CA GLU A 474 -11.56 -34.41 -10.08
C GLU A 474 -12.00 -35.23 -11.29
N HIS A 475 -11.05 -35.60 -12.15
CA HIS A 475 -11.32 -36.40 -13.34
C HIS A 475 -10.95 -37.87 -13.12
N HIS A 476 -10.91 -38.28 -11.86
CA HIS A 476 -10.65 -39.67 -11.47
C HIS A 476 -11.58 -40.67 -12.14
#